data_1HJF
#
_entry.id   1HJF
#
_cell.length_a   106.933
_cell.length_b   106.933
_cell.length_c   70.819
_cell.angle_alpha   90.00
_cell.angle_beta   90.00
_cell.angle_gamma   120.00
#
_symmetry.space_group_name_H-M   'H 3'
#
loop_
_entity.id
_entity.type
_entity.pdbx_description
1 polymer 'DEACETOXYCEPHALOSPORIN C SYNTHASE'
2 non-polymer 'FE (II) ION'
3 non-polymer '2-OXO-4-METHYLPENTANOIC ACID'
4 water water
#
_entity_poly.entity_id   1
_entity_poly.type   'polypeptide(L)'
_entity_poly.pdbx_seq_one_letter_code
;MDTTVPTFSLAELQQGLHQDEFRRCLRDKGLFYLTDCGLTDTELKSAKDIVIDFFEHGSEAEKRAVTSPVPTMRRGFTGL
ESESTAQITNTGSYSDYSMCYSMGTADNLFPSGDFERIWTQYFDRQYTASRAVAREVLRATGTEPDGGVEAFLDCEPLLR
FRYFPQVPEHRSAEEQPLRMAPHYDLSMVTLIQQTPCANGFVSLQAEVGGAFTDLPYRPDAVLVFCGAIATLVTGGQVKA
PRHHVAAPRRDQIAGSSQTSSVFFLRPNADFTFSVPLARECGFDVSLDGETATFQDWIGGNYVNIRRTSKA
;
_entity_poly.pdbx_strand_id   A
#
loop_
_chem_comp.id
_chem_comp.type
_chem_comp.name
_chem_comp.formula
COI non-polymer '2-OXO-4-METHYLPENTANOIC ACID' 'C6 H10 O3'
FE2 non-polymer 'FE (II) ION' 'Fe 2'
#
# COMPACT_ATOMS: atom_id res chain seq x y z
N MET A 1 25.54 -10.12 1.39
CA MET A 1 24.31 -9.94 0.58
C MET A 1 24.21 -8.54 0.01
N ASP A 2 23.76 -8.43 -1.23
CA ASP A 2 23.60 -7.14 -1.87
C ASP A 2 22.46 -6.41 -1.16
N THR A 3 22.68 -5.15 -0.83
CA THR A 3 21.66 -4.35 -0.15
C THR A 3 20.86 -3.52 -1.16
N THR A 4 21.03 -3.83 -2.44
CA THR A 4 20.32 -3.12 -3.48
C THR A 4 18.86 -3.55 -3.56
N VAL A 5 17.99 -2.58 -3.78
CA VAL A 5 16.56 -2.85 -3.90
C VAL A 5 16.36 -3.34 -5.34
N PRO A 6 15.97 -4.62 -5.52
CA PRO A 6 15.78 -5.12 -6.88
C PRO A 6 14.55 -4.63 -7.60
N THR A 7 14.51 -4.92 -8.89
CA THR A 7 13.41 -4.54 -9.77
C THR A 7 12.96 -5.80 -10.50
N PHE A 8 11.66 -5.98 -10.61
CA PHE A 8 11.12 -7.15 -11.29
C PHE A 8 10.05 -6.71 -12.26
N SER A 9 10.01 -7.38 -13.40
CA SER A 9 9.00 -7.10 -14.41
C SER A 9 7.83 -8.02 -14.10
N LEU A 10 6.65 -7.45 -13.94
CA LEU A 10 5.46 -8.24 -13.64
C LEU A 10 5.26 -9.27 -14.74
N ALA A 11 5.41 -8.83 -15.99
CA ALA A 11 5.24 -9.72 -17.13
C ALA A 11 6.16 -10.92 -17.01
N GLU A 12 7.43 -10.68 -16.68
CA GLU A 12 8.38 -11.77 -16.56
C GLU A 12 8.04 -12.70 -15.40
N LEU A 13 7.53 -12.14 -14.31
CA LEU A 13 7.17 -12.97 -13.17
C LEU A 13 6.03 -13.90 -13.57
N GLN A 14 5.01 -13.33 -14.20
CA GLN A 14 3.85 -14.10 -14.63
C GLN A 14 4.22 -15.23 -15.61
N GLN A 15 5.43 -15.21 -16.15
CA GLN A 15 5.87 -16.24 -17.08
C GLN A 15 6.76 -17.28 -16.43
N GLY A 16 6.91 -17.20 -15.11
CA GLY A 16 7.73 -18.15 -14.39
C GLY A 16 9.22 -17.87 -14.37
N LEU A 17 9.61 -16.63 -14.69
CA LEU A 17 11.02 -16.27 -14.70
C LEU A 17 11.48 -15.67 -13.37
N HIS A 18 12.77 -15.83 -13.09
CA HIS A 18 13.37 -15.27 -11.87
C HIS A 18 12.66 -15.69 -10.59
N GLN A 19 12.12 -16.91 -10.55
CA GLN A 19 11.41 -17.36 -9.35
C GLN A 19 12.31 -17.48 -8.12
N ASP A 20 13.53 -17.96 -8.30
CA ASP A 20 14.42 -18.09 -7.16
C ASP A 20 14.82 -16.70 -6.65
N GLU A 21 15.10 -15.79 -7.57
CA GLU A 21 15.48 -14.43 -7.18
C GLU A 21 14.31 -13.74 -6.47
N PHE A 22 13.10 -13.95 -6.98
CA PHE A 22 11.91 -13.33 -6.39
C PHE A 22 11.74 -13.85 -4.96
N ARG A 23 11.86 -15.17 -4.79
CA ARG A 23 11.72 -15.75 -3.46
C ARG A 23 12.73 -15.17 -2.48
N ARG A 24 13.98 -15.03 -2.91
CA ARG A 24 15.01 -14.50 -2.03
C ARG A 24 14.70 -13.05 -1.65
N CYS A 25 14.23 -12.28 -2.63
CA CYS A 25 13.90 -10.88 -2.37
C CYS A 25 12.80 -10.78 -1.31
N LEU A 26 11.71 -11.52 -1.51
CA LEU A 26 10.59 -11.50 -0.58
C LEU A 26 10.99 -11.86 0.86
N ARG A 27 11.84 -12.86 0.97
CA ARG A 27 12.31 -13.37 2.25
C ARG A 27 13.31 -12.46 2.96
N ASP A 28 14.32 -12.03 2.23
CA ASP A 28 15.40 -11.20 2.80
C ASP A 28 15.17 -9.70 2.83
N LYS A 29 14.33 -9.18 1.94
CA LYS A 29 14.12 -7.73 1.86
C LYS A 29 12.66 -7.29 1.97
N GLY A 30 11.76 -7.99 1.29
CA GLY A 30 10.35 -7.63 1.35
C GLY A 30 9.94 -6.36 0.63
N LEU A 31 10.76 -5.90 -0.32
CA LEU A 31 10.46 -4.69 -1.09
C LEU A 31 11.18 -4.75 -2.43
N PHE A 32 10.60 -4.12 -3.44
CA PHE A 32 11.19 -4.14 -4.78
C PHE A 32 10.40 -3.22 -5.69
N TYR A 33 11.02 -2.81 -6.79
CA TYR A 33 10.32 -1.98 -7.76
C TYR A 33 9.67 -2.94 -8.74
N LEU A 34 8.53 -2.54 -9.29
CA LEU A 34 7.81 -3.39 -10.23
C LEU A 34 7.58 -2.64 -11.55
N THR A 35 7.98 -3.26 -12.65
CA THR A 35 7.78 -2.65 -13.97
C THR A 35 6.77 -3.48 -14.75
N ASP A 36 6.42 -3.01 -15.95
CA ASP A 36 5.47 -3.70 -16.80
C ASP A 36 4.23 -4.15 -16.04
N CYS A 37 3.68 -3.26 -15.22
CA CYS A 37 2.48 -3.58 -14.44
C CYS A 37 1.33 -2.66 -14.81
N GLY A 38 1.51 -1.87 -15.86
CA GLY A 38 0.46 -0.96 -16.31
C GLY A 38 0.41 0.37 -15.58
N LEU A 39 1.46 0.69 -14.84
CA LEU A 39 1.53 1.94 -14.08
C LEU A 39 2.86 2.65 -14.25
N THR A 40 2.81 3.86 -14.79
CA THR A 40 4.01 4.66 -15.00
C THR A 40 3.69 6.13 -14.73
N ASP A 41 4.68 7.00 -14.96
CA ASP A 41 4.51 8.42 -14.74
C ASP A 41 3.37 8.96 -15.62
N THR A 42 3.13 8.27 -16.73
CA THR A 42 2.09 8.67 -17.67
C THR A 42 0.73 8.62 -16.99
N GLU A 43 0.35 7.43 -16.53
CA GLU A 43 -0.93 7.24 -15.85
C GLU A 43 -1.07 8.13 -14.62
N LEU A 44 0.05 8.48 -13.99
CA LEU A 44 0.03 9.31 -12.80
C LEU A 44 -0.21 10.79 -13.06
N LYS A 45 0.45 11.34 -14.08
CA LYS A 45 0.31 12.75 -14.43
C LYS A 45 -1.14 13.24 -14.40
N SER A 46 -2.00 12.55 -15.13
CA SER A 46 -3.41 12.89 -15.22
C SER A 46 -4.08 13.07 -13.85
N ALA A 47 -3.90 12.07 -13.00
CA ALA A 47 -4.49 12.09 -11.66
C ALA A 47 -3.87 13.15 -10.77
N LYS A 48 -2.54 13.24 -10.79
CA LYS A 48 -1.82 14.21 -9.97
C LYS A 48 -2.26 15.64 -10.29
N ASP A 49 -2.25 15.98 -11.59
CA ASP A 49 -2.64 17.31 -12.02
C ASP A 49 -4.05 17.70 -11.59
N ILE A 50 -5.02 16.83 -11.85
CA ILE A 50 -6.40 17.12 -11.51
C ILE A 50 -6.62 17.31 -10.00
N VAL A 51 -6.02 16.44 -9.19
CA VAL A 51 -6.18 16.55 -7.75
C VAL A 51 -5.41 17.74 -7.19
N ILE A 52 -4.20 17.97 -7.70
CA ILE A 52 -3.37 19.09 -7.25
C ILE A 52 -4.10 20.39 -7.55
N ASP A 53 -4.78 20.43 -8.70
CA ASP A 53 -5.54 21.62 -9.08
C ASP A 53 -6.60 21.87 -8.02
N PHE A 54 -7.20 20.78 -7.55
CA PHE A 54 -8.24 20.85 -6.53
C PHE A 54 -7.68 21.38 -5.21
N PHE A 55 -6.57 20.82 -4.77
CA PHE A 55 -5.93 21.23 -3.52
C PHE A 55 -5.53 22.71 -3.51
N GLU A 56 -5.43 23.30 -4.69
CA GLU A 56 -5.03 24.70 -4.80
C GLU A 56 -6.13 25.67 -5.20
N HIS A 57 -6.97 25.27 -6.14
CA HIS A 57 -8.03 26.15 -6.61
C HIS A 57 -9.44 25.80 -6.16
N GLY A 58 -9.61 24.62 -5.56
CA GLY A 58 -10.92 24.24 -5.08
C GLY A 58 -11.34 25.14 -3.93
N SER A 59 -12.57 25.60 -3.93
CA SER A 59 -13.07 26.47 -2.86
C SER A 59 -13.41 25.65 -1.62
N GLU A 60 -13.78 26.33 -0.53
CA GLU A 60 -14.13 25.64 0.70
C GLU A 60 -15.43 24.85 0.53
N ALA A 61 -16.36 25.40 -0.24
CA ALA A 61 -17.64 24.75 -0.48
C ALA A 61 -17.42 23.45 -1.24
N GLU A 62 -16.53 23.49 -2.22
CA GLU A 62 -16.22 22.32 -3.04
C GLU A 62 -15.52 21.24 -2.23
N LYS A 63 -14.64 21.67 -1.34
CA LYS A 63 -13.90 20.73 -0.50
C LYS A 63 -14.83 20.14 0.56
N ARG A 64 -15.74 20.97 1.08
CA ARG A 64 -16.68 20.53 2.09
C ARG A 64 -17.59 19.42 1.57
N ALA A 65 -18.03 19.56 0.32
CA ALA A 65 -18.91 18.60 -0.31
C ALA A 65 -18.26 17.24 -0.58
N VAL A 66 -16.93 17.17 -0.48
CA VAL A 66 -16.23 15.91 -0.69
C VAL A 66 -15.45 15.51 0.54
N THR A 67 -15.87 16.05 1.68
CA THR A 67 -15.23 15.76 2.95
C THR A 67 -16.17 14.94 3.84
N SER A 68 -15.66 13.82 4.36
CA SER A 68 -16.44 12.94 5.23
C SER A 68 -16.76 13.63 6.56
N PRO A 69 -17.89 13.29 7.19
CA PRO A 69 -18.24 13.93 8.47
C PRO A 69 -17.25 13.56 9.59
N VAL A 70 -16.55 12.46 9.41
CA VAL A 70 -15.51 12.04 10.37
C VAL A 70 -14.18 12.09 9.62
N PRO A 71 -13.18 12.76 10.19
CA PRO A 71 -11.85 12.90 9.58
C PRO A 71 -11.00 11.63 9.62
N THR A 72 -11.47 10.59 8.94
CA THR A 72 -10.79 9.30 8.91
C THR A 72 -9.83 9.08 7.75
N MET A 73 -9.85 9.96 6.74
CA MET A 73 -8.98 9.80 5.58
C MET A 73 -9.29 8.49 4.85
N ARG A 74 -10.55 8.08 4.86
CA ARG A 74 -10.95 6.85 4.18
C ARG A 74 -11.49 7.21 2.80
N ARG A 75 -12.25 8.29 2.72
CA ARG A 75 -12.83 8.72 1.45
C ARG A 75 -12.87 10.25 1.39
N GLY A 76 -12.65 10.80 0.21
CA GLY A 76 -12.71 12.25 0.05
C GLY A 76 -11.47 13.05 0.42
N PHE A 77 -11.68 14.34 0.65
CA PHE A 77 -10.63 15.29 0.98
C PHE A 77 -10.35 15.36 2.49
N THR A 78 -9.07 15.57 2.83
CA THR A 78 -8.66 15.68 4.22
C THR A 78 -7.47 16.61 4.36
N GLY A 79 -7.51 17.49 5.35
CA GLY A 79 -6.38 18.39 5.59
C GLY A 79 -5.60 17.77 6.73
N LEU A 80 -4.48 17.12 6.42
CA LEU A 80 -3.68 16.45 7.44
C LEU A 80 -2.56 17.27 8.07
N GLU A 81 -2.42 17.12 9.38
CA GLU A 81 -1.40 17.82 10.14
C GLU A 81 -0.21 16.87 10.37
N SER A 82 0.70 17.25 11.14
N THR A 91 -3.69 29.50 15.03
CA THR A 91 -4.02 30.07 13.69
C THR A 91 -3.57 29.15 12.55
N GLY A 92 -4.43 28.98 11.56
CA GLY A 92 -4.09 28.13 10.44
C GLY A 92 -5.12 27.06 10.14
N SER A 93 -4.70 26.04 9.39
CA SER A 93 -5.57 24.93 9.02
C SER A 93 -4.77 23.64 9.01
N TYR A 94 -5.43 22.52 9.28
CA TYR A 94 -4.76 21.22 9.29
C TYR A 94 -4.17 20.98 7.90
N SER A 95 -4.52 21.84 6.95
CA SER A 95 -4.03 21.74 5.58
C SER A 95 -2.61 22.29 5.50
N ASP A 96 -2.31 23.24 6.38
CA ASP A 96 -0.99 23.87 6.41
C ASP A 96 0.13 22.85 6.21
N TYR A 97 0.04 21.74 6.91
CA TYR A 97 1.04 20.69 6.81
C TYR A 97 0.95 19.97 5.47
N SER A 98 -0.21 19.38 5.19
CA SER A 98 -0.43 18.67 3.94
C SER A 98 -1.89 18.30 3.74
N MET A 99 -2.25 18.04 2.48
CA MET A 99 -3.61 17.67 2.14
C MET A 99 -3.62 16.24 1.58
N CYS A 100 -4.77 15.57 1.66
CA CYS A 100 -4.88 14.19 1.19
C CYS A 100 -6.22 13.93 0.50
N TYR A 101 -6.23 12.94 -0.39
CA TYR A 101 -7.43 12.53 -1.10
C TYR A 101 -7.43 11.01 -1.08
N SER A 102 -8.53 10.41 -0.65
CA SER A 102 -8.61 8.95 -0.55
C SER A 102 -9.79 8.35 -1.30
N MET A 103 -9.67 7.09 -1.68
CA MET A 103 -10.77 6.41 -2.36
C MET A 103 -10.66 4.88 -2.24
N GLY A 104 -11.74 4.19 -2.58
CA GLY A 104 -11.77 2.74 -2.52
C GLY A 104 -12.65 2.18 -3.62
N THR A 105 -13.12 0.95 -3.49
CA THR A 105 -13.96 0.34 -4.51
C THR A 105 -15.36 0.93 -4.59
N ALA A 106 -15.84 1.48 -3.49
CA ALA A 106 -17.19 2.08 -3.45
C ALA A 106 -17.28 3.21 -2.41
N ASP A 107 -18.40 3.92 -2.40
CA ASP A 107 -18.63 5.00 -1.46
C ASP A 107 -17.61 6.12 -1.57
N ASN A 108 -17.27 6.51 -2.79
CA ASN A 108 -16.30 7.58 -2.97
C ASN A 108 -16.93 8.96 -3.08
N LEU A 109 -16.11 9.99 -2.91
CA LEU A 109 -16.55 11.38 -2.99
C LEU A 109 -15.72 12.08 -4.06
N PHE A 110 -16.35 12.41 -5.18
CA PHE A 110 -15.66 13.07 -6.28
C PHE A 110 -16.15 14.51 -6.46
N PRO A 111 -15.21 15.46 -6.60
CA PRO A 111 -15.58 16.88 -6.79
C PRO A 111 -16.15 17.26 -8.15
N SER A 112 -15.84 16.50 -9.19
CA SER A 112 -16.34 16.79 -10.53
C SER A 112 -16.38 15.52 -11.40
N GLY A 113 -16.97 15.63 -12.58
CA GLY A 113 -17.06 14.49 -13.48
C GLY A 113 -15.71 14.09 -14.03
N ASP A 114 -14.97 15.06 -14.53
CA ASP A 114 -13.64 14.81 -15.09
C ASP A 114 -12.74 14.19 -14.03
N PHE A 115 -12.84 14.69 -12.80
CA PHE A 115 -12.03 14.18 -11.70
C PHE A 115 -12.36 12.70 -11.49
N GLU A 116 -13.66 12.40 -11.44
CA GLU A 116 -14.13 11.03 -11.25
C GLU A 116 -13.59 10.06 -12.29
N ARG A 117 -13.73 10.42 -13.56
CA ARG A 117 -13.25 9.57 -14.66
C ARG A 117 -11.76 9.26 -14.55
N ILE A 118 -10.97 10.31 -14.35
CA ILE A 118 -9.52 10.19 -14.25
C ILE A 118 -9.11 9.35 -13.04
N TRP A 119 -9.74 9.57 -11.91
CA TRP A 119 -9.38 8.81 -10.71
C TRP A 119 -9.95 7.41 -10.63
N THR A 120 -11.12 7.18 -11.20
CA THR A 120 -11.69 5.83 -11.19
C THR A 120 -10.76 4.94 -12.00
N GLN A 121 -10.23 5.47 -13.09
CA GLN A 121 -9.32 4.70 -13.93
C GLN A 121 -7.97 4.53 -13.23
N TYR A 122 -7.52 5.58 -12.56
CA TYR A 122 -6.24 5.53 -11.84
C TYR A 122 -6.32 4.46 -10.75
N PHE A 123 -7.40 4.50 -9.98
CA PHE A 123 -7.61 3.53 -8.91
C PHE A 123 -7.62 2.10 -9.46
N ASP A 124 -8.34 1.90 -10.56
CA ASP A 124 -8.44 0.58 -11.16
C ASP A 124 -7.11 -0.02 -11.60
N ARG A 125 -6.24 0.79 -12.20
CA ARG A 125 -4.94 0.31 -12.63
C ARG A 125 -4.13 -0.12 -11.42
N GLN A 126 -4.18 0.70 -10.37
CA GLN A 126 -3.47 0.42 -9.12
C GLN A 126 -3.97 -0.88 -8.47
N TYR A 127 -5.28 -1.05 -8.44
CA TYR A 127 -5.89 -2.24 -7.84
C TYR A 127 -5.52 -3.49 -8.65
N THR A 128 -5.60 -3.40 -9.97
CA THR A 128 -5.24 -4.51 -10.84
C THR A 128 -3.76 -4.90 -10.62
N ALA A 129 -2.88 -3.90 -10.62
CA ALA A 129 -1.45 -4.17 -10.43
C ALA A 129 -1.17 -4.76 -9.05
N SER A 130 -1.78 -4.21 -8.01
CA SER A 130 -1.56 -4.70 -6.66
C SER A 130 -2.04 -6.15 -6.55
N ARG A 131 -3.19 -6.45 -7.13
CA ARG A 131 -3.70 -7.82 -7.07
C ARG A 131 -2.77 -8.75 -7.82
N ALA A 132 -2.27 -8.30 -8.96
CA ALA A 132 -1.40 -9.10 -9.80
C ALA A 132 -0.08 -9.47 -9.11
N VAL A 133 0.58 -8.49 -8.50
CA VAL A 133 1.84 -8.78 -7.82
C VAL A 133 1.61 -9.61 -6.56
N ALA A 134 0.47 -9.41 -5.91
CA ALA A 134 0.16 -10.19 -4.71
C ALA A 134 -0.06 -11.64 -5.14
N ARG A 135 -0.66 -11.81 -6.32
CA ARG A 135 -0.93 -13.14 -6.85
C ARG A 135 0.40 -13.88 -7.09
N GLU A 136 1.41 -13.17 -7.56
CA GLU A 136 2.73 -13.78 -7.78
C GLU A 136 3.43 -14.04 -6.45
N VAL A 137 3.17 -13.19 -5.45
CA VAL A 137 3.79 -13.38 -4.13
C VAL A 137 3.30 -14.71 -3.58
N LEU A 138 2.00 -14.97 -3.76
CA LEU A 138 1.41 -16.21 -3.28
C LEU A 138 1.94 -17.43 -4.03
N ARG A 139 2.04 -17.32 -5.35
CA ARG A 139 2.51 -18.42 -6.17
C ARG A 139 3.97 -18.78 -5.91
N ALA A 140 4.81 -17.76 -5.77
CA ALA A 140 6.25 -17.98 -5.53
C ALA A 140 6.52 -18.70 -4.21
N THR A 141 5.62 -18.52 -3.24
CA THR A 141 5.76 -19.13 -1.93
C THR A 141 4.83 -20.35 -1.79
N GLY A 142 4.20 -20.74 -2.89
CA GLY A 142 3.29 -21.88 -2.88
C GLY A 142 2.21 -21.74 -1.83
N THR A 143 1.67 -20.54 -1.71
CA THR A 143 0.65 -20.23 -0.72
C THR A 143 -0.78 -20.24 -1.25
N GLU A 144 -1.63 -21.01 -0.57
CA GLU A 144 -3.05 -21.12 -0.90
C GLU A 144 -3.81 -20.63 0.32
N PRO A 145 -4.26 -19.36 0.31
CA PRO A 145 -5.00 -18.82 1.46
C PRO A 145 -6.25 -19.62 1.77
N ASP A 146 -6.60 -19.66 3.05
CA ASP A 146 -7.81 -20.35 3.49
C ASP A 146 -8.96 -19.73 2.69
N GLY A 147 -9.69 -20.54 1.94
CA GLY A 147 -10.80 -20.01 1.18
C GLY A 147 -10.46 -19.69 -0.27
N GLY A 148 -9.20 -19.93 -0.66
CA GLY A 148 -8.78 -19.68 -2.04
C GLY A 148 -8.15 -18.34 -2.37
N VAL A 149 -7.33 -18.33 -3.42
CA VAL A 149 -6.63 -17.13 -3.86
C VAL A 149 -7.50 -15.92 -4.28
N GLU A 150 -8.44 -16.14 -5.18
CA GLU A 150 -9.25 -15.03 -5.65
C GLU A 150 -10.13 -14.38 -4.57
N ALA A 151 -10.73 -15.17 -3.69
CA ALA A 151 -11.56 -14.62 -2.64
C ALA A 151 -10.70 -13.75 -1.73
N PHE A 152 -9.45 -14.17 -1.53
CA PHE A 152 -8.50 -13.43 -0.72
C PHE A 152 -8.11 -12.10 -1.35
N LEU A 153 -7.97 -12.12 -2.69
CA LEU A 153 -7.57 -10.91 -3.41
C LEU A 153 -8.70 -9.92 -3.74
N ASP A 154 -9.95 -10.38 -3.70
CA ASP A 154 -11.11 -9.50 -3.91
C ASP A 154 -11.36 -9.03 -2.48
N CYS A 155 -10.65 -7.96 -2.11
CA CYS A 155 -10.65 -7.46 -0.75
C CYS A 155 -11.12 -6.03 -0.46
N GLU A 156 -10.38 -5.34 0.41
CA GLU A 156 -10.72 -3.98 0.83
C GLU A 156 -9.56 -2.98 0.70
N PRO A 157 -9.17 -2.66 -0.55
CA PRO A 157 -8.08 -1.71 -0.75
C PRO A 157 -8.38 -0.27 -0.35
N LEU A 158 -7.32 0.50 -0.13
CA LEU A 158 -7.45 1.91 0.22
C LEU A 158 -6.35 2.70 -0.48
N LEU A 159 -6.74 3.71 -1.24
CA LEU A 159 -5.80 4.56 -1.96
C LEU A 159 -5.73 5.95 -1.35
N ARG A 160 -4.54 6.38 -0.95
CA ARG A 160 -4.37 7.72 -0.39
C ARG A 160 -3.32 8.52 -1.17
N PHE A 161 -3.68 9.74 -1.52
CA PHE A 161 -2.78 10.61 -2.26
C PHE A 161 -2.50 11.85 -1.43
N ARG A 162 -1.25 12.02 -1.01
CA ARG A 162 -0.86 13.16 -0.18
C ARG A 162 -0.06 14.21 -0.95
N TYR A 163 -0.22 15.47 -0.56
CA TYR A 163 0.47 16.58 -1.20
C TYR A 163 1.03 17.51 -0.13
N PHE A 164 2.34 17.73 -0.17
CA PHE A 164 3.00 18.60 0.82
C PHE A 164 3.33 19.97 0.23
N PRO A 165 2.39 20.66 -0.21
N LEU A 178 11.72 14.00 10.99
CA LEU A 178 11.06 13.05 10.05
C LEU A 178 9.59 13.43 9.85
N ARG A 179 9.13 13.32 8.61
CA ARG A 179 7.75 13.64 8.27
C ARG A 179 6.88 12.48 8.77
N MET A 180 7.39 11.27 8.63
CA MET A 180 6.68 10.06 9.06
C MET A 180 7.62 9.13 9.82
N ALA A 181 7.19 8.73 11.02
CA ALA A 181 7.97 7.86 11.89
C ALA A 181 8.10 6.44 11.37
N PRO A 182 9.20 5.75 11.74
CA PRO A 182 9.46 4.37 11.32
C PRO A 182 8.29 3.46 11.64
N HIS A 183 7.95 2.58 10.71
CA HIS A 183 6.84 1.65 10.90
C HIS A 183 6.84 0.61 9.78
N TYR A 184 5.97 -0.39 9.93
CA TYR A 184 5.81 -1.38 8.87
C TYR A 184 4.33 -1.33 8.55
N ASP A 185 3.97 -1.77 7.35
CA ASP A 185 2.58 -1.74 6.91
C ASP A 185 1.89 -3.06 7.24
N LEU A 186 0.58 -3.00 7.51
CA LEU A 186 -0.21 -4.19 7.85
C LEU A 186 -1.02 -4.72 6.66
N SER A 187 -0.66 -4.27 5.48
CA SER A 187 -1.31 -4.67 4.24
C SER A 187 -0.73 -6.00 3.75
N MET A 188 -1.30 -6.49 2.65
CA MET A 188 -0.78 -7.70 2.02
C MET A 188 0.44 -7.10 1.29
N VAL A 189 0.18 -6.14 0.40
CA VAL A 189 1.26 -5.41 -0.29
C VAL A 189 0.81 -3.96 -0.38
N THR A 190 1.77 -3.06 -0.52
CA THR A 190 1.48 -1.63 -0.63
C THR A 190 2.24 -1.11 -1.86
N LEU A 191 1.53 -0.44 -2.77
CA LEU A 191 2.13 0.12 -3.99
C LEU A 191 2.29 1.63 -3.84
N ILE A 192 3.49 2.13 -4.14
CA ILE A 192 3.81 3.55 -3.99
C ILE A 192 4.36 4.24 -5.22
N GLN A 193 3.83 5.42 -5.52
CA GLN A 193 4.32 6.22 -6.65
C GLN A 193 4.71 7.57 -6.07
N GLN A 194 5.89 8.05 -6.45
CA GLN A 194 6.39 9.33 -5.94
C GLN A 194 6.72 10.30 -7.07
N THR A 195 7.24 11.47 -6.69
CA THR A 195 7.62 12.50 -7.66
C THR A 195 9.03 13.01 -7.39
N PRO A 196 9.56 13.75 -8.25
N PHE A 201 16.22 15.20 -3.54
CA PHE A 201 16.14 14.70 -2.12
C PHE A 201 15.25 13.47 -2.04
N VAL A 202 15.77 12.40 -1.44
CA VAL A 202 15.02 11.17 -1.30
C VAL A 202 14.48 11.04 0.13
N SER A 203 13.20 11.36 0.30
CA SER A 203 12.55 11.30 1.59
C SER A 203 12.26 9.89 2.10
N LEU A 204 11.83 9.02 1.18
CA LEU A 204 11.50 7.64 1.55
C LEU A 204 12.73 6.77 1.81
N GLN A 205 12.81 6.20 3.00
CA GLN A 205 13.92 5.33 3.38
C GLN A 205 13.36 4.02 3.92
N ALA A 206 14.02 2.92 3.60
CA ALA A 206 13.59 1.62 4.09
C ALA A 206 14.79 0.86 4.63
N GLU A 207 14.54 -0.02 5.59
CA GLU A 207 15.62 -0.81 6.16
C GLU A 207 15.96 -1.97 5.25
N VAL A 208 17.19 -1.99 4.75
CA VAL A 208 17.67 -3.05 3.87
C VAL A 208 19.06 -3.47 4.35
N GLY A 209 19.22 -4.73 4.69
CA GLY A 209 20.51 -5.21 5.16
C GLY A 209 20.96 -4.55 6.45
N GLY A 210 20.00 -4.10 7.26
CA GLY A 210 20.34 -3.45 8.52
C GLY A 210 20.76 -2.00 8.37
N ALA A 211 20.24 -1.33 7.34
CA ALA A 211 20.57 0.07 7.11
C ALA A 211 19.48 0.73 6.28
N PHE A 212 19.28 2.02 6.49
CA PHE A 212 18.27 2.76 5.75
C PHE A 212 18.78 3.00 4.34
N THR A 213 17.95 2.66 3.36
CA THR A 213 18.33 2.83 1.97
C THR A 213 17.34 3.77 1.30
N ASP A 214 17.84 4.62 0.41
CA ASP A 214 16.98 5.57 -0.30
C ASP A 214 16.05 4.83 -1.23
N LEU A 215 14.87 5.38 -1.43
CA LEU A 215 13.89 4.79 -2.33
C LEU A 215 13.38 5.87 -3.28
N PRO A 216 14.26 6.34 -4.18
CA PRO A 216 13.92 7.38 -5.15
C PRO A 216 12.81 6.99 -6.11
N TYR A 217 12.30 7.98 -6.84
CA TYR A 217 11.22 7.75 -7.80
C TYR A 217 11.75 7.08 -9.06
N ARG A 218 10.89 6.30 -9.70
CA ARG A 218 11.20 5.59 -10.95
C ARG A 218 9.99 5.78 -11.87
N PRO A 219 10.00 6.83 -12.71
CA PRO A 219 8.88 7.11 -13.61
C PRO A 219 8.37 5.88 -14.37
N ASP A 220 9.21 4.87 -14.48
CA ASP A 220 8.86 3.65 -15.20
C ASP A 220 8.38 2.50 -14.34
N ALA A 221 8.32 2.69 -13.03
CA ALA A 221 7.90 1.61 -12.15
C ALA A 221 7.20 2.09 -10.90
N VAL A 222 6.63 1.13 -10.17
CA VAL A 222 5.96 1.40 -8.92
C VAL A 222 6.77 0.70 -7.84
N LEU A 223 6.86 1.32 -6.67
CA LEU A 223 7.60 0.74 -5.55
C LEU A 223 6.64 -0.11 -4.73
N VAL A 224 7.06 -1.33 -4.41
CA VAL A 224 6.23 -2.24 -3.65
C VAL A 224 6.81 -2.57 -2.28
N PHE A 225 5.97 -2.48 -1.25
CA PHE A 225 6.37 -2.82 0.13
C PHE A 225 5.48 -3.98 0.52
N CYS A 226 6.07 -5.06 1.03
CA CYS A 226 5.26 -6.17 1.48
C CYS A 226 4.78 -5.80 2.90
N GLY A 227 3.56 -6.17 3.22
CA GLY A 227 3.02 -5.87 4.54
C GLY A 227 2.93 -7.09 5.43
N ALA A 228 2.56 -6.89 6.69
CA ALA A 228 2.46 -7.98 7.66
C ALA A 228 1.53 -9.12 7.22
N ILE A 229 0.49 -8.81 6.47
CA ILE A 229 -0.43 -9.86 6.02
C ILE A 229 0.27 -10.82 5.05
N ALA A 230 1.22 -10.32 4.27
CA ALA A 230 1.97 -11.19 3.35
C ALA A 230 2.79 -12.15 4.21
N THR A 231 3.38 -11.63 5.27
CA THR A 231 4.17 -12.46 6.17
C THR A 231 3.24 -13.53 6.77
N LEU A 232 2.10 -13.09 7.29
CA LEU A 232 1.14 -14.00 7.90
C LEU A 232 0.60 -15.11 7.00
N VAL A 233 -0.01 -14.73 5.87
CA VAL A 233 -0.58 -15.72 4.97
C VAL A 233 0.43 -16.71 4.39
N THR A 234 1.67 -16.29 4.17
CA THR A 234 2.70 -17.19 3.62
C THR A 234 3.46 -17.99 4.67
N GLY A 235 3.08 -17.83 5.93
CA GLY A 235 3.74 -18.56 6.99
C GLY A 235 5.17 -18.11 7.28
N GLY A 236 5.42 -16.82 7.13
CA GLY A 236 6.75 -16.29 7.42
C GLY A 236 7.74 -16.27 6.26
N GLN A 237 7.27 -16.53 5.05
CA GLN A 237 8.16 -16.55 3.89
C GLN A 237 8.41 -15.19 3.28
N VAL A 238 7.74 -14.16 3.78
CA VAL A 238 7.88 -12.82 3.25
C VAL A 238 8.15 -11.82 4.37
N LYS A 239 9.14 -10.97 4.16
CA LYS A 239 9.49 -9.95 5.13
C LYS A 239 8.62 -8.71 4.94
N ALA A 240 8.30 -8.06 6.05
CA ALA A 240 7.52 -6.81 6.05
C ALA A 240 8.51 -5.77 6.58
N PRO A 241 9.20 -5.07 5.66
CA PRO A 241 10.21 -4.06 6.00
C PRO A 241 9.75 -2.76 6.64
N ARG A 242 10.55 -2.29 7.59
CA ARG A 242 10.28 -1.03 8.27
C ARG A 242 10.75 0.11 7.35
N HIS A 243 10.08 1.25 7.44
CA HIS A 243 10.44 2.40 6.62
C HIS A 243 9.93 3.70 7.24
N HIS A 244 10.41 4.83 6.72
CA HIS A 244 10.02 6.13 7.22
C HIS A 244 10.26 7.23 6.20
N VAL A 245 9.85 8.45 6.54
CA VAL A 245 10.01 9.60 5.67
C VAL A 245 10.74 10.76 6.34
N ALA A 246 11.80 11.24 5.69
CA ALA A 246 12.57 12.35 6.21
C ALA A 246 12.02 13.64 5.61
N ALA A 247 12.22 14.75 6.31
CA ALA A 247 11.74 16.04 5.83
C ALA A 247 12.90 16.83 5.23
N PRO A 248 12.63 17.88 4.59
N SER A 257 7.52 19.48 -0.22
CA SER A 257 7.38 19.84 -1.66
C SER A 257 7.36 18.60 -2.55
N GLN A 258 6.39 17.73 -2.31
CA GLN A 258 6.27 16.50 -3.09
C GLN A 258 4.92 15.83 -2.86
N THR A 259 4.52 14.98 -3.79
CA THR A 259 3.25 14.26 -3.69
C THR A 259 3.52 12.76 -3.78
N SER A 260 2.77 11.97 -3.02
CA SER A 260 2.94 10.53 -3.06
C SER A 260 1.61 9.81 -3.10
N SER A 261 1.58 8.70 -3.82
CA SER A 261 0.38 7.88 -3.95
C SER A 261 0.65 6.57 -3.23
N VAL A 262 -0.23 6.21 -2.30
CA VAL A 262 -0.07 4.99 -1.54
C VAL A 262 -1.33 4.13 -1.65
N PHE A 263 -1.15 2.91 -2.15
CA PHE A 263 -2.24 1.98 -2.33
C PHE A 263 -2.02 0.74 -1.46
N PHE A 264 -2.89 0.58 -0.46
CA PHE A 264 -2.84 -0.56 0.45
C PHE A 264 -3.80 -1.66 -0.03
N LEU A 265 -3.29 -2.87 -0.25
CA LEU A 265 -4.14 -4.01 -0.63
C LEU A 265 -4.38 -4.68 0.73
N ARG A 266 -5.59 -4.54 1.25
CA ARG A 266 -5.96 -5.07 2.58
C ARG A 266 -6.95 -6.22 2.53
N PRO A 267 -6.73 -7.28 3.33
CA PRO A 267 -7.64 -8.42 3.34
C PRO A 267 -9.03 -8.08 3.87
N ASN A 268 -9.98 -8.99 3.66
CA ASN A 268 -11.33 -8.82 4.15
C ASN A 268 -11.33 -9.17 5.63
N ALA A 269 -12.31 -8.63 6.36
CA ALA A 269 -12.40 -8.88 7.79
C ALA A 269 -12.44 -10.37 8.11
N ASP A 270 -13.05 -11.16 7.24
CA ASP A 270 -13.15 -12.59 7.49
C ASP A 270 -12.01 -13.46 6.99
N PHE A 271 -10.90 -12.84 6.58
CA PHE A 271 -9.74 -13.62 6.14
C PHE A 271 -9.32 -14.49 7.33
N THR A 272 -9.20 -15.80 7.11
CA THR A 272 -8.87 -16.74 8.18
C THR A 272 -7.47 -17.32 8.08
N PHE A 273 -6.84 -17.51 9.23
CA PHE A 273 -5.48 -18.03 9.29
C PHE A 273 -5.25 -18.90 10.52
N SER A 274 -4.15 -19.65 10.52
CA SER A 274 -3.80 -20.54 11.61
C SER A 274 -3.09 -19.80 12.73
N VAL A 275 -3.61 -19.91 13.95
CA VAL A 275 -3.03 -19.24 15.10
C VAL A 275 -1.62 -19.78 15.42
N PRO A 276 -1.46 -21.11 15.53
CA PRO A 276 -0.12 -21.62 15.82
C PRO A 276 0.90 -21.13 14.78
N LEU A 277 0.49 -21.06 13.52
CA LEU A 277 1.40 -20.62 12.47
C LEU A 277 1.79 -19.16 12.62
N ALA A 278 0.85 -18.30 13.00
CA ALA A 278 1.17 -16.89 13.18
C ALA A 278 2.26 -16.76 14.25
N ARG A 279 2.11 -17.52 15.33
CA ARG A 279 3.09 -17.49 16.43
C ARG A 279 4.46 -17.95 15.92
N GLU A 280 4.47 -18.97 15.07
CA GLU A 280 5.73 -19.50 14.54
C GLU A 280 6.58 -18.48 13.78
N CYS A 281 5.98 -17.38 13.34
CA CYS A 281 6.74 -16.40 12.59
C CYS A 281 6.81 -14.98 13.14
N GLY A 282 6.60 -14.82 14.45
CA GLY A 282 6.73 -13.50 15.05
C GLY A 282 5.52 -12.75 15.58
N PHE A 283 4.31 -13.14 15.18
CA PHE A 283 3.12 -12.45 15.66
C PHE A 283 2.81 -12.77 17.11
N ASP A 284 2.75 -11.73 17.93
CA ASP A 284 2.50 -11.89 19.35
C ASP A 284 1.00 -11.86 19.59
N VAL A 285 0.33 -12.89 19.06
CA VAL A 285 -1.11 -13.00 19.17
C VAL A 285 -1.61 -13.46 20.52
N SER A 286 -2.76 -12.91 20.90
CA SER A 286 -3.44 -13.24 22.14
C SER A 286 -4.79 -13.76 21.64
N LEU A 287 -4.73 -14.90 20.95
CA LEU A 287 -5.94 -15.48 20.36
C LEU A 287 -6.16 -16.91 20.85
N ASP A 288 -7.34 -17.16 21.40
CA ASP A 288 -7.65 -18.50 21.88
C ASP A 288 -8.17 -19.28 20.68
N GLY A 289 -7.80 -20.56 20.59
CA GLY A 289 -8.29 -21.35 19.47
C GLY A 289 -7.23 -21.63 18.43
N GLU A 290 -7.56 -22.48 17.46
CA GLU A 290 -6.63 -22.86 16.42
C GLU A 290 -6.67 -21.96 15.19
N THR A 291 -7.81 -21.33 14.92
CA THR A 291 -7.94 -20.43 13.77
C THR A 291 -8.54 -19.10 14.22
N ALA A 292 -8.28 -18.05 13.44
CA ALA A 292 -8.78 -16.71 13.75
C ALA A 292 -8.95 -15.90 12.47
N THR A 293 -9.69 -14.79 12.56
CA THR A 293 -9.91 -13.94 11.39
C THR A 293 -9.13 -12.64 11.56
N PHE A 294 -8.97 -11.93 10.45
CA PHE A 294 -8.28 -10.64 10.45
C PHE A 294 -8.96 -9.77 11.52
N GLN A 295 -10.29 -9.77 11.52
CA GLN A 295 -11.07 -9.00 12.49
C GLN A 295 -10.71 -9.40 13.92
N ASP A 296 -10.59 -10.71 14.17
CA ASP A 296 -10.24 -11.18 15.52
C ASP A 296 -8.90 -10.60 15.95
N TRP A 297 -7.95 -10.59 15.02
CA TRP A 297 -6.62 -10.09 15.31
C TRP A 297 -6.50 -8.58 15.47
N ILE A 298 -6.89 -7.84 14.43
CA ILE A 298 -6.77 -6.38 14.44
C ILE A 298 -7.87 -5.58 15.11
N GLY A 299 -9.09 -6.13 15.18
CA GLY A 299 -10.18 -5.41 15.80
C GLY A 299 -11.21 -5.01 14.76
N GLY A 300 -12.15 -4.15 15.15
CA GLY A 300 -13.21 -3.73 14.24
C GLY A 300 -12.95 -2.56 13.33
N ASN A 301 -11.74 -2.00 13.37
CA ASN A 301 -11.38 -0.86 12.52
C ASN A 301 -10.04 -1.15 11.84
N TYR A 302 -9.96 -0.94 10.53
CA TYR A 302 -8.71 -1.18 9.85
C TYR A 302 -7.59 -0.35 10.45
N VAL A 303 -6.41 -0.96 10.55
CA VAL A 303 -5.19 -0.32 11.06
C VAL A 303 -4.20 -0.58 9.92
N ASN A 304 -3.68 0.49 9.33
CA ASN A 304 -2.78 0.35 8.18
C ASN A 304 -1.30 0.18 8.48
N ILE A 305 -0.83 0.81 9.55
CA ILE A 305 0.58 0.74 9.88
C ILE A 305 0.79 0.40 11.36
N ARG A 306 2.03 0.08 11.70
CA ARG A 306 2.35 -0.23 13.08
C ARG A 306 3.80 0.14 13.35
N ARG A 307 4.03 0.86 14.44
CA ARG A 307 5.38 1.29 14.81
C ARG A 307 5.93 0.24 15.77
N THR A 308 7.15 -0.20 15.52
CA THR A 308 7.79 -1.20 16.37
C THR A 308 8.12 -0.66 17.75
N SER A 309 8.37 0.65 17.84
CA SER A 309 8.73 1.30 19.10
C SER A 309 7.90 0.80 20.28
N LYS A 310 6.66 0.92 20.22
FE FE2 B . 4.07 2.60 5.12
C1 COI C . 2.29 4.89 4.60
O1 COI C . 2.21 3.71 5.21
O2 COI C . 1.33 5.61 4.43
C2 COI C . 3.57 5.29 4.13
O3 COI C . 4.54 4.58 4.28
C3 COI C . 3.67 6.66 3.40
C4 COI C . 4.71 6.78 2.25
C5 COI C . 4.56 5.67 1.20
C6 COI C . 6.16 6.84 2.75
#